data_2DYB
#
_entry.id   2DYB
#
_cell.length_a   146.273
_cell.length_b   189.813
_cell.length_c   79.883
_cell.angle_alpha   90.00
_cell.angle_beta   90.00
_cell.angle_gamma   90.00
#
_symmetry.space_group_name_H-M   'C 2 2 21'
#
_entity_poly.entity_id   1
_entity_poly.type   'polypeptide(L)'
_entity_poly.pdbx_seq_one_letter_code
;GAMAVAQQLRAESDFEQLPDDVAISANIADIEEKRGFTSHFVFVIEVKTKGGSKYLIYRRYRQFHALQSKLEERFGPDSK
SSALA(CAF)TLPTLPAKVYVGVKQEIAEMRIPALNAYMKSLLSLPVWVLMDEDVRIFFYQSPYDSEQVPQALRRLRPRT
RKVKSVSPQGNSVDRMAAPRAEALFDFTGNSKLELNFKAGDVIFLLSRINKDWLEGTVRGATGIFPLSFVKILKDFPEED
DPTNWLRCYYYEDTISTIKDIAVEEDLSSTPLLKDLLELTRREFQREDIALNYRDAEGDLVRLLSDEDVALMVRQARGLP
SQKRLFPWKLHITQKDNYRVYNTMP
;
_entity_poly.pdbx_strand_id   A,B
#
# COMPACT_ATOMS: atom_id res chain seq x y z
N ALA A 11 11.15 -30.12 0.85
CA ALA A 11 11.31 -28.71 0.38
C ALA A 11 10.77 -28.52 -1.03
N GLU A 12 11.25 -29.35 -1.96
CA GLU A 12 10.82 -29.26 -3.34
C GLU A 12 9.30 -29.26 -3.41
N SER A 13 8.70 -30.41 -3.11
CA SER A 13 7.25 -30.57 -3.13
C SER A 13 6.61 -29.65 -2.11
N ASP A 14 7.19 -29.63 -0.91
CA ASP A 14 6.69 -28.80 0.19
C ASP A 14 6.24 -27.43 -0.30
N PHE A 15 7.14 -26.76 -1.03
CA PHE A 15 6.83 -25.44 -1.55
C PHE A 15 5.71 -25.46 -2.59
N GLU A 16 6.07 -25.79 -3.83
CA GLU A 16 5.14 -25.84 -4.96
C GLU A 16 3.66 -26.00 -4.63
N GLN A 17 3.35 -26.78 -3.58
CA GLN A 17 1.96 -27.00 -3.19
C GLN A 17 1.33 -25.74 -2.58
N LEU A 18 2.16 -24.78 -2.19
CA LEU A 18 1.68 -23.55 -1.59
C LEU A 18 1.34 -22.52 -2.67
N PRO A 19 0.13 -21.92 -2.61
CA PRO A 19 -0.37 -20.92 -3.54
C PRO A 19 0.53 -19.70 -3.64
N ASP A 20 0.35 -18.93 -4.70
CA ASP A 20 1.16 -17.75 -4.94
C ASP A 20 0.93 -16.57 -4.04
N ASP A 21 -0.23 -16.48 -3.40
CA ASP A 21 -0.46 -15.34 -2.53
C ASP A 21 0.13 -15.53 -1.14
N VAL A 22 0.76 -16.70 -0.93
CA VAL A 22 1.40 -17.04 0.34
C VAL A 22 2.63 -16.15 0.52
N ALA A 23 2.79 -15.58 1.70
CA ALA A 23 3.91 -14.69 1.96
C ALA A 23 5.23 -15.43 2.14
N ILE A 24 6.30 -14.88 1.55
CA ILE A 24 7.61 -15.50 1.70
C ILE A 24 8.55 -14.53 2.37
N SER A 25 8.19 -13.24 2.39
CA SER A 25 9.07 -12.28 3.02
C SER A 25 8.32 -11.04 3.49
N ALA A 26 8.53 -10.68 4.75
CA ALA A 26 7.87 -9.52 5.30
C ALA A 26 8.83 -8.60 6.04
N ASN A 27 9.44 -7.65 5.34
CA ASN A 27 10.37 -6.72 5.97
C ASN A 27 9.71 -5.37 6.21
N ILE A 28 9.96 -4.77 7.37
CA ILE A 28 9.40 -3.46 7.70
C ILE A 28 9.96 -2.38 6.79
N ALA A 29 9.10 -1.50 6.32
CA ALA A 29 9.54 -0.44 5.43
C ALA A 29 9.41 0.91 6.09
N ASP A 30 8.60 1.02 7.13
CA ASP A 30 8.44 2.31 7.77
C ASP A 30 7.62 2.22 9.05
N ILE A 31 7.66 3.30 9.82
CA ILE A 31 6.91 3.40 11.06
C ILE A 31 6.04 4.64 10.88
N GLU A 32 4.78 4.56 11.32
CA GLU A 32 3.88 5.72 11.22
C GLU A 32 3.13 5.88 12.54
N GLU A 33 2.80 7.12 12.89
CA GLU A 33 2.07 7.37 14.10
C GLU A 33 0.60 7.48 13.75
N LYS A 34 -0.20 6.61 14.32
CA LYS A 34 -1.61 6.63 14.03
C LYS A 34 -2.40 7.16 15.22
N ARG A 35 -3.15 8.24 15.02
CA ARG A 35 -3.95 8.78 16.10
C ARG A 35 -5.20 7.88 16.21
N GLY A 36 -5.03 6.72 16.84
CA GLY A 36 -6.15 5.79 17.01
C GLY A 36 -6.86 6.03 18.32
N PHE A 37 -7.41 4.97 18.94
CA PHE A 37 -8.10 5.15 20.23
C PHE A 37 -7.09 5.76 21.16
N THR A 38 -5.89 5.26 20.99
CA THR A 38 -4.72 5.69 21.72
C THR A 38 -3.87 6.11 20.55
N SER A 39 -3.13 7.20 20.69
CA SER A 39 -2.26 7.56 19.57
C SER A 39 -0.95 6.73 19.81
N HIS A 40 -0.77 5.75 18.93
CA HIS A 40 0.35 4.84 18.94
C HIS A 40 1.08 4.76 17.61
N PHE A 41 1.91 3.73 17.49
CA PHE A 41 2.71 3.54 16.29
C PHE A 41 2.40 2.23 15.61
N VAL A 42 2.53 2.22 14.30
CA VAL A 42 2.26 1.03 13.53
C VAL A 42 3.44 0.78 12.64
N PHE A 43 3.64 -0.48 12.25
CA PHE A 43 4.75 -0.85 11.41
C PHE A 43 4.29 -1.09 9.97
N VAL A 44 4.86 -0.32 9.04
CA VAL A 44 4.52 -0.45 7.63
C VAL A 44 5.32 -1.59 7.02
N ILE A 45 4.78 -2.80 7.14
CA ILE A 45 5.41 -4.01 6.61
C ILE A 45 5.17 -4.22 5.10
N GLU A 46 6.22 -4.59 4.35
CA GLU A 46 6.11 -4.84 2.92
C GLU A 46 6.18 -6.33 2.72
N VAL A 47 5.10 -6.93 2.22
CA VAL A 47 5.07 -8.36 2.03
C VAL A 47 5.27 -8.76 0.56
N LYS A 48 6.11 -9.76 0.32
CA LYS A 48 6.34 -10.27 -1.03
C LYS A 48 5.82 -11.69 -1.00
N THR A 49 5.11 -12.09 -2.06
CA THR A 49 4.55 -13.43 -2.12
C THR A 49 5.29 -14.34 -3.09
N LYS A 50 4.97 -15.63 -3.00
CA LYS A 50 5.55 -16.62 -3.87
C LYS A 50 5.27 -16.18 -5.30
N GLY A 51 4.05 -15.67 -5.50
CA GLY A 51 3.65 -15.19 -6.81
C GLY A 51 4.46 -14.02 -7.35
N GLY A 52 5.15 -13.31 -6.47
CA GLY A 52 5.96 -12.19 -6.93
C GLY A 52 5.35 -10.82 -6.70
N SER A 53 4.18 -10.78 -6.11
CA SER A 53 3.52 -9.50 -5.85
C SER A 53 3.94 -8.99 -4.50
N LYS A 54 4.27 -7.71 -4.44
CA LYS A 54 4.68 -7.10 -3.19
C LYS A 54 3.60 -6.09 -2.80
N TYR A 55 3.24 -6.04 -1.52
CA TYR A 55 2.25 -5.10 -1.02
C TYR A 55 2.56 -4.61 0.40
N LEU A 56 1.82 -3.59 0.87
CA LEU A 56 2.04 -3.05 2.21
C LEU A 56 0.91 -3.34 3.17
N ILE A 57 1.22 -3.72 4.40
CA ILE A 57 0.21 -3.97 5.42
C ILE A 57 0.65 -3.16 6.62
N TYR A 58 -0.28 -2.88 7.53
CA TYR A 58 0.04 -2.11 8.70
C TYR A 58 -0.34 -2.88 9.92
N ARG A 59 0.64 -3.11 10.80
CA ARG A 59 0.40 -3.84 12.04
C ARG A 59 1.03 -3.10 13.21
N ARG A 60 0.35 -3.11 14.35
CA ARG A 60 0.86 -2.47 15.55
C ARG A 60 1.51 -3.59 16.35
N TYR A 61 2.35 -3.24 17.32
CA TYR A 61 2.99 -4.27 18.11
C TYR A 61 1.96 -5.23 18.69
N ARG A 62 1.05 -4.66 19.49
CA ARG A 62 0.01 -5.45 20.13
C ARG A 62 -0.54 -6.56 19.24
N GLN A 63 -0.50 -6.35 17.93
CA GLN A 63 -1.04 -7.33 17.01
C GLN A 63 -0.15 -8.53 16.80
N PHE A 64 1.17 -8.32 16.86
CA PHE A 64 2.15 -9.39 16.70
C PHE A 64 1.99 -10.31 17.89
N HIS A 65 2.10 -9.70 19.06
CA HIS A 65 1.96 -10.39 20.33
C HIS A 65 0.68 -11.22 20.28
N ALA A 66 -0.44 -10.56 20.02
CA ALA A 66 -1.74 -11.22 19.94
C ALA A 66 -1.70 -12.46 19.05
N LEU A 67 -0.83 -12.44 18.05
CA LEU A 67 -0.70 -13.57 17.14
C LEU A 67 0.06 -14.69 17.81
N GLN A 68 1.20 -14.35 18.40
CA GLN A 68 2.03 -15.32 19.08
C GLN A 68 1.19 -16.09 20.09
N SER A 69 0.46 -15.37 20.92
CA SER A 69 -0.37 -15.99 21.93
C SER A 69 -1.34 -16.96 21.28
N LYS A 70 -1.92 -16.56 20.17
CA LYS A 70 -2.85 -17.44 19.46
C LYS A 70 -2.09 -18.65 18.89
N LEU A 71 -0.91 -18.41 18.34
CA LEU A 71 -0.09 -19.48 17.78
C LEU A 71 0.26 -20.54 18.82
N GLU A 72 0.72 -20.09 19.98
CA GLU A 72 1.11 -20.99 21.07
C GLU A 72 -0.05 -21.80 21.63
N GLU A 73 -1.23 -21.19 21.71
CA GLU A 73 -2.39 -21.91 22.21
C GLU A 73 -2.71 -23.12 21.33
N ARG A 74 -2.78 -22.90 20.03
CA ARG A 74 -3.10 -23.97 19.08
C ARG A 74 -2.17 -25.19 19.16
N PHE A 75 -0.89 -24.97 18.83
CA PHE A 75 0.12 -26.02 18.79
C PHE A 75 0.67 -26.65 20.10
N GLY A 76 -0.12 -26.64 21.17
CA GLY A 76 0.31 -27.23 22.44
C GLY A 76 0.16 -28.75 22.46
N THR A 87 10.19 -25.25 16.03
CA THR A 87 10.20 -24.45 17.25
C THR A 87 9.64 -23.07 16.97
N LEU A 88 8.56 -22.72 17.65
CA LEU A 88 7.92 -21.41 17.51
C LEU A 88 8.77 -20.25 17.99
N PRO A 89 8.93 -19.22 17.15
CA PRO A 89 9.72 -18.04 17.52
C PRO A 89 8.90 -17.19 18.46
N THR A 90 9.55 -16.54 19.41
CA THR A 90 8.82 -15.70 20.34
C THR A 90 9.34 -14.27 20.32
N LEU A 91 8.50 -13.36 20.78
CA LEU A 91 8.84 -11.94 20.83
C LEU A 91 9.64 -11.68 22.10
N PRO A 92 10.72 -10.90 22.00
CA PRO A 92 11.59 -10.55 23.13
C PRO A 92 10.79 -10.11 24.36
N ALA A 93 11.44 -10.07 25.52
CA ALA A 93 10.83 -9.64 26.78
C ALA A 93 10.91 -8.10 26.85
N LYS A 94 9.93 -7.43 27.46
CA LYS A 94 9.93 -5.94 27.47
C LYS A 94 10.99 -5.21 28.31
N VAL A 95 11.67 -4.21 27.73
CA VAL A 95 12.52 -3.29 28.49
C VAL A 95 12.52 -2.02 27.71
N TYR A 96 11.86 -2.00 26.55
CA TYR A 96 11.79 -0.79 25.75
C TYR A 96 11.04 0.28 26.53
N VAL A 97 11.70 1.41 26.66
CA VAL A 97 11.11 2.50 27.39
C VAL A 97 11.89 3.75 27.04
N GLY A 98 11.25 4.57 26.21
CA GLY A 98 11.81 5.83 25.75
C GLY A 98 10.53 6.53 25.35
N VAL A 99 10.54 7.24 24.22
CA VAL A 99 9.31 7.88 23.77
C VAL A 99 8.52 6.79 23.05
N LYS A 100 7.28 7.09 22.69
CA LYS A 100 6.46 6.10 21.99
C LYS A 100 7.18 5.67 20.72
N GLN A 101 7.60 6.67 19.96
CA GLN A 101 8.32 6.47 18.71
C GLN A 101 9.55 5.60 18.92
N GLU A 102 10.43 6.05 19.81
CA GLU A 102 11.65 5.30 20.09
C GLU A 102 11.34 3.84 20.42
N ILE A 103 10.53 3.61 21.44
CA ILE A 103 10.18 2.24 21.83
C ILE A 103 9.76 1.46 20.59
N ALA A 104 9.36 2.17 19.54
CA ALA A 104 8.93 1.51 18.30
C ALA A 104 10.11 1.23 17.38
N GLU A 105 10.83 2.28 16.99
CA GLU A 105 11.99 2.14 16.11
C GLU A 105 12.93 1.06 16.62
N MET A 106 12.86 0.84 17.93
CA MET A 106 13.69 -0.15 18.58
C MET A 106 13.19 -1.57 18.29
N ARG A 107 11.87 -1.74 18.35
CA ARG A 107 11.27 -3.06 18.12
C ARG A 107 11.43 -3.56 16.70
N ILE A 108 11.86 -2.68 15.79
CA ILE A 108 12.01 -3.07 14.41
C ILE A 108 12.80 -4.37 14.21
N PRO A 109 14.14 -4.33 14.42
CA PRO A 109 14.96 -5.52 14.25
C PRO A 109 14.34 -6.78 14.85
N ALA A 110 13.81 -6.67 16.05
CA ALA A 110 13.20 -7.80 16.71
C ALA A 110 12.07 -8.30 15.83
N LEU A 111 11.17 -7.39 15.45
CA LEU A 111 10.02 -7.70 14.60
C LEU A 111 10.32 -8.41 13.28
N ASN A 112 11.24 -7.87 12.47
CA ASN A 112 11.58 -8.52 11.21
C ASN A 112 11.94 -9.96 11.53
N ALA A 113 12.81 -10.09 12.51
CA ALA A 113 13.26 -11.39 12.97
C ALA A 113 12.08 -12.36 13.13
N TYR A 114 11.06 -11.91 13.84
CA TYR A 114 9.89 -12.71 14.09
C TYR A 114 9.26 -13.20 12.79
N MET A 115 9.04 -12.27 11.88
CA MET A 115 8.43 -12.63 10.61
C MET A 115 9.29 -13.61 9.81
N LYS A 116 10.55 -13.27 9.55
CA LYS A 116 11.43 -14.17 8.80
C LYS A 116 11.28 -15.59 9.35
N SER A 117 11.40 -15.71 10.68
CA SER A 117 11.29 -17.00 11.35
C SER A 117 9.94 -17.64 11.10
N LEU A 118 8.91 -16.87 11.42
CA LEU A 118 7.53 -17.33 11.27
C LEU A 118 7.25 -17.80 9.85
N LEU A 119 7.71 -17.05 8.85
CA LEU A 119 7.48 -17.42 7.46
C LEU A 119 8.37 -18.58 7.04
N SER A 120 9.39 -18.88 7.85
CA SER A 120 10.29 -19.99 7.56
C SER A 120 9.71 -21.29 8.08
N LEU A 121 8.73 -21.18 8.95
CA LEU A 121 8.07 -22.33 9.51
C LEU A 121 7.53 -23.23 8.43
N PRO A 122 7.02 -24.40 8.82
CA PRO A 122 6.48 -25.37 7.87
C PRO A 122 5.11 -25.06 7.27
N VAL A 123 4.96 -25.50 6.03
CA VAL A 123 3.75 -25.32 5.27
C VAL A 123 2.47 -25.37 6.10
N TRP A 124 2.23 -26.46 6.81
CA TRP A 124 0.99 -26.59 7.58
C TRP A 124 0.74 -25.48 8.60
N VAL A 125 1.77 -24.78 9.05
CA VAL A 125 1.55 -23.70 10.03
C VAL A 125 1.42 -22.38 9.28
N LEU A 126 2.00 -22.33 8.09
CA LEU A 126 1.99 -21.15 7.25
C LEU A 126 0.62 -20.95 6.62
N MET A 127 -0.12 -22.06 6.53
CA MET A 127 -1.45 -22.10 5.94
C MET A 127 -2.53 -21.97 6.99
N ASP A 128 -2.15 -21.43 8.15
CA ASP A 128 -3.07 -21.22 9.27
C ASP A 128 -3.81 -19.92 8.99
N GLU A 129 -5.14 -19.98 8.92
CA GLU A 129 -5.90 -18.78 8.64
C GLU A 129 -5.41 -17.60 9.45
N ASP A 130 -5.36 -17.78 10.78
CA ASP A 130 -4.90 -16.74 11.68
C ASP A 130 -3.54 -16.16 11.27
N VAL A 131 -2.70 -16.97 10.66
CA VAL A 131 -1.37 -16.51 10.21
C VAL A 131 -1.55 -15.88 8.82
N ARG A 132 -2.32 -16.58 7.99
CA ARG A 132 -2.62 -16.13 6.64
C ARG A 132 -3.13 -14.71 6.71
N ILE A 133 -4.21 -14.55 7.45
CA ILE A 133 -4.83 -13.24 7.64
C ILE A 133 -3.86 -12.18 8.14
N PHE A 134 -3.01 -12.51 9.10
CA PHE A 134 -2.05 -11.53 9.60
C PHE A 134 -1.31 -10.88 8.45
N PHE A 135 -0.99 -11.69 7.43
CA PHE A 135 -0.24 -11.19 6.29
C PHE A 135 -1.02 -10.68 5.10
N TYR A 136 -2.29 -11.08 5.00
CA TYR A 136 -3.16 -10.61 3.91
C TYR A 136 -3.30 -9.10 4.00
N GLN A 137 -3.42 -8.44 2.85
CA GLN A 137 -3.61 -7.00 2.89
C GLN A 137 -5.09 -6.87 3.14
N SER A 138 -5.49 -5.91 3.96
CA SER A 138 -6.90 -5.76 4.25
C SER A 138 -7.49 -4.50 3.63
N PRO A 139 -8.81 -4.47 3.43
CA PRO A 139 -9.40 -3.27 2.84
C PRO A 139 -8.81 -2.03 3.48
N TYR A 140 -8.73 -2.06 4.80
CA TYR A 140 -8.18 -0.93 5.49
C TYR A 140 -6.70 -0.71 5.21
N ASP A 141 -5.92 -1.79 5.13
CA ASP A 141 -4.49 -1.67 4.83
C ASP A 141 -4.31 -0.89 3.54
N SER A 142 -5.08 -1.27 2.53
CA SER A 142 -5.02 -0.64 1.22
C SER A 142 -5.48 0.81 1.24
N GLU A 143 -6.48 1.14 2.04
CA GLU A 143 -6.93 2.53 2.10
C GLU A 143 -5.80 3.38 2.63
N GLN A 144 -4.90 2.77 3.38
CA GLN A 144 -3.83 3.51 4.00
C GLN A 144 -2.63 3.88 3.17
N VAL A 145 -2.39 3.12 2.12
CA VAL A 145 -1.24 3.41 1.27
C VAL A 145 -1.47 4.72 0.52
N PRO A 146 -2.55 4.83 -0.26
CA PRO A 146 -2.80 6.08 -0.99
C PRO A 146 -2.72 7.27 -0.03
N GLN A 147 -3.25 7.08 1.16
CA GLN A 147 -3.24 8.12 2.15
C GLN A 147 -1.82 8.57 2.46
N ALA A 148 -0.91 7.60 2.61
CA ALA A 148 0.50 7.88 2.92
C ALA A 148 1.18 8.69 1.82
N LEU A 149 1.13 8.21 0.57
CA LEU A 149 1.74 8.97 -0.55
C LEU A 149 1.30 10.44 -0.50
N ARG A 150 -0.02 10.66 -0.37
CA ARG A 150 -0.58 12.01 -0.35
C ARG A 150 0.08 12.90 0.66
N ARG A 151 0.63 12.32 1.73
CA ARG A 151 1.28 13.18 2.70
C ARG A 151 2.79 13.18 2.61
N LEU A 152 3.40 12.01 2.49
CA LEU A 152 4.86 11.90 2.41
C LEU A 152 5.43 12.61 1.17
N ARG A 153 4.57 13.18 0.36
CA ARG A 153 4.98 13.90 -0.84
C ARG A 153 3.69 14.54 -1.33
N PRO A 154 3.22 15.57 -0.60
CA PRO A 154 2.00 16.34 -0.85
C PRO A 154 2.09 17.23 -2.08
N ARG A 155 0.93 17.69 -2.54
CA ARG A 155 0.82 18.56 -3.71
C ARG A 155 -0.08 19.77 -3.42
N ARG A 171 -5.69 15.49 16.02
CA ARG A 171 -6.79 14.70 15.48
C ARG A 171 -7.51 15.45 14.37
N MET A 172 -8.83 15.23 14.30
CA MET A 172 -9.66 15.89 13.29
C MET A 172 -10.98 16.23 13.94
N ALA A 173 -11.40 17.47 13.75
CA ALA A 173 -12.63 17.94 14.36
C ALA A 173 -13.86 17.41 13.67
N ALA A 174 -14.88 17.13 14.46
CA ALA A 174 -16.11 16.64 13.87
C ALA A 174 -16.73 17.84 13.17
N PRO A 175 -17.51 17.62 12.11
CA PRO A 175 -18.18 18.66 11.33
C PRO A 175 -19.13 19.55 12.13
N ARG A 176 -19.02 20.85 11.94
CA ARG A 176 -19.90 21.77 12.64
C ARG A 176 -20.09 23.07 11.88
N ALA A 177 -21.19 23.76 12.16
CA ALA A 177 -21.47 25.00 11.49
C ALA A 177 -22.08 26.00 12.46
N GLU A 178 -22.16 27.24 12.02
CA GLU A 178 -22.74 28.32 12.82
C GLU A 178 -24.04 28.84 12.20
N ALA A 179 -25.11 28.90 12.98
CA ALA A 179 -26.37 29.41 12.45
C ALA A 179 -26.10 30.86 12.09
N LEU A 180 -26.73 31.31 11.03
CA LEU A 180 -26.55 32.68 10.62
C LEU A 180 -27.80 33.46 10.93
N PHE A 181 -28.91 32.76 11.13
CA PHE A 181 -30.20 33.36 11.40
C PHE A 181 -31.05 32.43 12.24
N ASP A 182 -31.95 32.98 13.06
CA ASP A 182 -32.84 32.15 13.85
C ASP A 182 -33.65 31.27 12.90
N PHE A 183 -33.99 30.08 13.34
CA PHE A 183 -34.77 29.16 12.51
C PHE A 183 -35.74 28.35 13.37
N THR A 184 -37.00 28.35 12.99
CA THR A 184 -38.00 27.59 13.72
C THR A 184 -38.40 26.39 12.88
N GLY A 185 -38.26 25.20 13.45
CA GLY A 185 -38.62 24.00 12.72
C GLY A 185 -40.05 24.04 12.23
N ASN A 186 -40.28 23.48 11.05
CA ASN A 186 -41.62 23.42 10.47
C ASN A 186 -42.32 22.12 10.86
N SER A 187 -41.57 21.18 11.41
CA SER A 187 -42.10 19.88 11.82
C SER A 187 -41.36 19.42 13.07
N LYS A 188 -41.77 18.26 13.59
CA LYS A 188 -41.14 17.71 14.77
C LYS A 188 -39.76 17.28 14.34
N LEU A 189 -39.64 16.96 13.06
CA LEU A 189 -38.38 16.51 12.47
C LEU A 189 -37.34 17.60 12.19
N GLU A 190 -37.81 18.82 12.01
CA GLU A 190 -36.90 19.92 11.73
C GLU A 190 -36.31 20.48 13.00
N LEU A 191 -35.03 20.82 12.94
CA LEU A 191 -34.32 21.34 14.10
C LEU A 191 -34.75 22.76 14.45
N ASN A 192 -34.47 23.20 15.67
CA ASN A 192 -34.81 24.55 16.08
C ASN A 192 -33.55 25.16 16.68
N PHE A 193 -33.24 26.40 16.32
CA PHE A 193 -32.04 27.03 16.87
C PHE A 193 -32.03 28.54 16.72
N LYS A 194 -31.10 29.18 17.41
CA LYS A 194 -30.94 30.62 17.39
C LYS A 194 -29.71 30.98 16.58
N ALA A 195 -29.79 32.09 15.85
CA ALA A 195 -28.65 32.50 15.05
C ALA A 195 -27.44 32.63 15.96
N GLY A 196 -26.31 32.11 15.52
CA GLY A 196 -25.11 32.19 16.32
C GLY A 196 -24.82 30.88 17.00
N ASP A 197 -25.82 30.02 17.09
CA ASP A 197 -25.65 28.71 17.72
C ASP A 197 -24.63 27.91 16.95
N VAL A 198 -24.03 26.93 17.62
CA VAL A 198 -23.08 26.04 16.98
C VAL A 198 -23.79 24.71 16.81
N ILE A 199 -23.98 24.32 15.56
CA ILE A 199 -24.65 23.10 15.24
C ILE A 199 -23.62 22.12 14.76
N PHE A 200 -23.67 20.90 15.29
CA PHE A 200 -22.73 19.87 14.88
C PHE A 200 -23.44 19.03 13.85
N LEU A 201 -22.78 18.86 12.70
CA LEU A 201 -23.37 18.10 11.63
C LEU A 201 -23.23 16.60 11.83
N LEU A 202 -24.36 15.92 11.75
CA LEU A 202 -24.39 14.49 11.89
C LEU A 202 -24.40 13.83 10.49
N SER A 203 -25.17 14.38 9.58
CA SER A 203 -25.23 13.79 8.25
C SER A 203 -25.76 14.70 7.16
N ARG A 204 -25.37 14.41 5.92
CA ARG A 204 -25.88 15.22 4.83
C ARG A 204 -27.18 14.53 4.42
N ILE A 205 -28.18 15.32 4.06
CA ILE A 205 -29.46 14.78 3.64
C ILE A 205 -29.48 14.91 2.13
N ASN A 206 -29.77 16.10 1.63
CA ASN A 206 -29.75 16.34 0.21
C ASN A 206 -29.00 17.63 -0.02
N LYS A 207 -29.29 18.32 -1.11
CA LYS A 207 -28.63 19.57 -1.46
C LYS A 207 -28.96 20.72 -0.52
N ASP A 208 -30.22 20.89 -0.19
CA ASP A 208 -30.62 22.00 0.66
C ASP A 208 -30.75 21.71 2.15
N TRP A 209 -30.48 20.48 2.56
CA TRP A 209 -30.67 20.17 3.96
C TRP A 209 -29.58 19.36 4.60
N LEU A 210 -29.46 19.51 5.91
CA LEU A 210 -28.49 18.78 6.70
C LEU A 210 -29.11 18.29 7.99
N GLU A 211 -28.49 17.28 8.59
CA GLU A 211 -28.98 16.75 9.83
C GLU A 211 -27.92 17.12 10.82
N GLY A 212 -28.31 17.87 11.83
CA GLY A 212 -27.33 18.26 12.81
C GLY A 212 -27.96 18.15 14.17
N THR A 213 -27.22 18.57 15.17
CA THR A 213 -27.70 18.50 16.53
C THR A 213 -27.23 19.73 17.24
N VAL A 214 -28.05 20.24 18.15
CA VAL A 214 -27.70 21.40 18.92
C VAL A 214 -28.27 21.25 20.30
N ARG A 215 -27.36 21.08 21.26
CA ARG A 215 -27.69 20.88 22.68
C ARG A 215 -28.89 19.96 22.92
N GLY A 216 -28.66 18.66 22.80
CA GLY A 216 -29.72 17.70 23.02
C GLY A 216 -30.73 17.62 21.89
N ALA A 217 -30.84 18.70 21.12
CA ALA A 217 -31.77 18.74 20.00
C ALA A 217 -31.12 18.11 18.78
N THR A 218 -31.88 17.32 18.05
CA THR A 218 -31.39 16.69 16.85
C THR A 218 -32.46 16.83 15.79
N GLY A 219 -32.08 17.29 14.60
CA GLY A 219 -33.06 17.43 13.55
C GLY A 219 -32.45 17.91 12.25
N ILE A 220 -33.26 18.07 11.21
CA ILE A 220 -32.73 18.54 9.92
C ILE A 220 -32.89 20.06 9.79
N PHE A 221 -31.98 20.71 9.09
CA PHE A 221 -32.07 22.16 8.90
C PHE A 221 -31.63 22.64 7.51
N PRO A 222 -32.09 23.80 7.08
CA PRO A 222 -31.72 24.34 5.76
C PRO A 222 -30.26 24.79 5.77
N LEU A 223 -29.48 24.24 4.86
CA LEU A 223 -28.07 24.56 4.77
C LEU A 223 -27.82 26.04 4.50
N SER A 224 -28.84 26.76 4.03
CA SER A 224 -28.68 28.18 3.72
C SER A 224 -28.52 29.04 4.97
N PHE A 225 -28.98 28.52 6.10
CA PHE A 225 -28.92 29.21 7.39
C PHE A 225 -27.65 29.04 8.21
N VAL A 226 -26.56 28.57 7.62
CA VAL A 226 -25.33 28.41 8.40
C VAL A 226 -24.08 28.64 7.58
N LYS A 227 -22.99 28.82 8.30
CA LYS A 227 -21.69 29.01 7.67
C LYS A 227 -20.97 27.73 8.12
N ILE A 228 -20.52 26.91 7.18
CA ILE A 228 -19.81 25.69 7.59
C ILE A 228 -18.53 26.09 8.29
N LEU A 229 -18.27 25.50 9.46
CA LEU A 229 -17.06 25.80 10.20
C LEU A 229 -16.01 24.74 10.00
N LYS A 230 -16.44 23.49 9.83
CA LYS A 230 -15.56 22.35 9.58
C LYS A 230 -16.43 21.41 8.82
N ASP A 231 -16.07 21.15 7.58
CA ASP A 231 -16.87 20.28 6.73
C ASP A 231 -16.76 18.81 7.06
N PHE A 232 -17.57 18.02 6.37
CA PHE A 232 -17.57 16.57 6.53
C PHE A 232 -16.24 16.10 5.99
N PRO A 233 -15.77 14.92 6.43
CA PRO A 233 -14.50 14.42 5.92
C PRO A 233 -14.74 14.14 4.44
N GLU A 234 -13.72 14.32 3.60
CA GLU A 234 -13.97 14.06 2.21
C GLU A 234 -14.28 12.58 2.10
N GLU A 235 -15.13 12.23 1.14
CA GLU A 235 -15.57 10.88 0.92
C GLU A 235 -14.49 9.79 0.99
N ASP A 236 -13.32 10.02 0.39
CA ASP A 236 -12.30 8.99 0.43
C ASP A 236 -11.30 8.94 1.61
N ASP A 237 -11.51 9.81 2.58
CA ASP A 237 -10.68 9.88 3.79
C ASP A 237 -10.95 8.59 4.55
N PRO A 238 -9.90 7.78 4.85
CA PRO A 238 -10.10 6.52 5.56
C PRO A 238 -10.30 6.67 7.06
N THR A 239 -10.33 7.92 7.53
CA THR A 239 -10.51 8.15 8.95
C THR A 239 -11.91 7.79 9.42
N ASN A 240 -11.99 6.94 10.43
CA ASN A 240 -13.25 6.50 11.00
C ASN A 240 -13.68 7.39 12.16
N TRP A 241 -14.87 7.15 12.70
CA TRP A 241 -15.38 7.95 13.81
C TRP A 241 -16.16 7.16 14.83
N LEU A 242 -15.99 7.50 16.09
CA LEU A 242 -16.69 6.83 17.18
C LEU A 242 -17.75 7.75 17.74
N ARG A 243 -19.01 7.34 17.70
CA ARG A 243 -20.07 8.19 18.23
C ARG A 243 -20.35 7.96 19.71
N CYS A 244 -20.41 9.06 20.46
CA CYS A 244 -20.66 9.03 21.89
C CYS A 244 -21.87 9.86 22.27
N TYR A 245 -22.70 9.34 23.17
CA TYR A 245 -23.84 10.09 23.63
C TYR A 245 -23.48 10.51 25.05
N TYR A 246 -23.07 11.76 25.18
CA TYR A 246 -22.64 12.33 26.44
C TYR A 246 -23.81 12.80 27.30
N TYR A 247 -24.05 12.08 28.39
CA TYR A 247 -25.15 12.40 29.28
C TYR A 247 -24.75 13.35 30.41
N GLU A 248 -25.24 14.58 30.35
CA GLU A 248 -24.93 15.56 31.38
C GLU A 248 -26.02 15.60 32.44
N ASP A 249 -26.21 16.77 33.05
CA ASP A 249 -27.20 16.95 34.11
C ASP A 249 -28.57 17.32 33.56
N THR A 250 -28.58 18.25 32.61
CA THR A 250 -29.81 18.72 32.00
C THR A 250 -30.05 18.02 30.66
N ILE A 251 -29.12 18.19 29.72
CA ILE A 251 -29.21 17.61 28.38
C ILE A 251 -28.38 16.33 28.20
N SER A 252 -28.37 15.86 26.96
CA SER A 252 -27.65 14.65 26.55
C SER A 252 -27.17 14.90 25.12
N THR A 253 -25.90 15.23 24.96
CA THR A 253 -25.39 15.52 23.62
C THR A 253 -24.73 14.36 22.86
N ILE A 254 -24.46 14.61 21.57
CA ILE A 254 -23.83 13.62 20.69
C ILE A 254 -22.50 14.20 20.24
N LYS A 255 -21.43 13.44 20.41
CA LYS A 255 -20.11 13.89 20.05
C LYS A 255 -19.28 12.84 19.32
N ASP A 256 -18.99 13.07 18.04
CA ASP A 256 -18.19 12.13 17.26
C ASP A 256 -16.71 12.38 17.51
N ILE A 257 -15.92 11.31 17.45
CA ILE A 257 -14.49 11.43 17.71
C ILE A 257 -13.74 10.72 16.60
N ALA A 258 -12.72 11.38 16.05
CA ALA A 258 -11.94 10.82 14.95
C ALA A 258 -10.92 9.78 15.35
N VAL A 259 -11.23 8.52 15.08
CA VAL A 259 -10.35 7.42 15.43
C VAL A 259 -9.73 6.76 14.19
N GLU A 260 -8.42 6.92 14.00
CA GLU A 260 -7.77 6.31 12.85
C GLU A 260 -7.44 4.84 13.15
N GLU A 261 -8.46 4.01 13.26
CA GLU A 261 -8.27 2.58 13.54
C GLU A 261 -9.14 1.81 12.55
N ASP A 262 -8.81 0.56 12.27
CA ASP A 262 -9.61 -0.25 11.36
C ASP A 262 -11.00 -0.23 11.98
N LEU A 263 -12.03 -0.22 11.13
CA LEU A 263 -13.38 -0.16 11.63
C LEU A 263 -13.83 -1.40 12.37
N SER A 264 -13.16 -2.52 12.16
CA SER A 264 -13.57 -3.76 12.81
C SER A 264 -12.74 -4.12 14.01
N SER A 265 -11.76 -3.28 14.34
CA SER A 265 -10.92 -3.59 15.46
C SER A 265 -11.66 -3.48 16.79
N THR A 266 -11.05 -4.07 17.82
CA THR A 266 -11.59 -4.07 19.18
C THR A 266 -10.61 -3.33 20.08
N PRO A 267 -11.10 -2.43 20.92
CA PRO A 267 -10.13 -1.73 21.77
C PRO A 267 -10.11 -2.32 23.17
N LEU A 268 -9.27 -1.76 24.03
CA LEU A 268 -9.19 -2.23 25.41
C LEU A 268 -9.89 -1.20 26.29
N LEU A 269 -10.74 -1.65 27.20
CA LEU A 269 -11.45 -0.74 28.08
C LEU A 269 -10.54 0.42 28.50
N LYS A 270 -9.25 0.17 28.67
CA LYS A 270 -8.31 1.23 29.03
C LYS A 270 -8.14 2.23 27.88
N ASP A 271 -8.31 1.74 26.65
CA ASP A 271 -8.20 2.57 25.45
C ASP A 271 -9.37 3.54 25.48
N LEU A 272 -10.59 3.01 25.56
CA LEU A 272 -11.74 3.87 25.59
C LEU A 272 -11.69 4.84 26.75
N LEU A 273 -11.20 4.41 27.89
CA LEU A 273 -11.12 5.31 29.05
C LEU A 273 -10.15 6.46 28.80
N GLU A 274 -8.99 6.17 28.23
CA GLU A 274 -8.03 7.25 27.96
C GLU A 274 -8.59 8.20 26.90
N LEU A 275 -9.20 7.62 25.88
CA LEU A 275 -9.77 8.42 24.81
C LEU A 275 -10.89 9.33 25.30
N THR A 276 -11.94 8.75 25.87
CA THR A 276 -13.08 9.51 26.35
C THR A 276 -12.76 10.61 27.35
N ARG A 277 -11.59 10.54 27.98
CA ARG A 277 -11.25 11.57 28.94
C ARG A 277 -10.62 12.78 28.26
N ARG A 278 -9.61 12.57 27.42
CA ARG A 278 -8.99 13.69 26.72
C ARG A 278 -10.00 14.39 25.82
N GLU A 279 -11.19 13.80 25.68
CA GLU A 279 -12.22 14.37 24.84
C GLU A 279 -13.17 15.24 25.62
N PHE A 280 -13.77 14.67 26.66
CA PHE A 280 -14.73 15.37 27.51
C PHE A 280 -14.06 16.10 28.68
N GLN A 281 -12.73 16.02 28.71
CA GLN A 281 -11.89 16.67 29.71
C GLN A 281 -12.21 16.38 31.19
N ARG A 282 -12.54 15.14 31.50
CA ARG A 282 -12.86 14.76 32.87
C ARG A 282 -12.54 13.30 33.09
N GLU A 283 -12.74 12.79 34.30
CA GLU A 283 -12.44 11.38 34.55
C GLU A 283 -13.53 10.55 35.20
N ASP A 284 -14.48 11.17 35.89
CA ASP A 284 -15.53 10.38 36.54
C ASP A 284 -16.69 10.05 35.61
N ILE A 285 -16.37 9.36 34.53
CA ILE A 285 -17.39 8.98 33.56
C ILE A 285 -17.45 7.47 33.39
N ALA A 286 -18.64 6.95 33.12
CA ALA A 286 -18.81 5.53 32.93
C ALA A 286 -19.17 5.25 31.48
N LEU A 287 -18.43 4.35 30.84
CA LEU A 287 -18.68 4.04 29.45
C LEU A 287 -19.76 2.99 29.41
N ASN A 288 -20.84 3.28 28.72
CA ASN A 288 -21.94 2.34 28.62
C ASN A 288 -22.36 2.23 27.18
N TYR A 289 -22.98 1.11 26.84
CA TYR A 289 -23.47 0.93 25.51
C TYR A 289 -24.86 0.33 25.68
N ARG A 290 -25.65 0.34 24.61
CA ARG A 290 -26.98 -0.21 24.69
C ARG A 290 -27.07 -1.62 24.13
N ASP A 291 -27.39 -2.58 25.00
CA ASP A 291 -27.54 -3.97 24.59
C ASP A 291 -28.54 -4.06 23.44
N ALA A 292 -28.44 -5.11 22.64
CA ALA A 292 -29.33 -5.31 21.51
C ALA A 292 -30.82 -5.15 21.84
N GLU A 293 -31.24 -5.74 22.95
CA GLU A 293 -32.63 -5.68 23.40
C GLU A 293 -33.02 -4.27 23.84
N GLY A 294 -32.08 -3.55 24.42
CA GLY A 294 -32.38 -2.18 24.83
C GLY A 294 -31.84 -1.84 26.19
N ASP A 295 -31.39 -2.84 26.92
CA ASP A 295 -30.86 -2.62 28.25
C ASP A 295 -29.51 -1.93 28.17
N LEU A 296 -29.27 -1.00 29.10
CA LEU A 296 -27.99 -0.31 29.15
C LEU A 296 -27.00 -1.31 29.74
N VAL A 297 -25.73 -1.18 29.40
CA VAL A 297 -24.73 -2.10 29.94
C VAL A 297 -23.48 -1.36 30.36
N ARG A 298 -22.97 -1.68 31.54
CA ARG A 298 -21.77 -1.01 32.01
C ARG A 298 -20.55 -1.70 31.44
N LEU A 299 -19.61 -0.90 30.95
CA LEU A 299 -18.38 -1.43 30.37
C LEU A 299 -17.32 -1.38 31.44
N LEU A 300 -17.21 -2.49 32.16
CA LEU A 300 -16.25 -2.62 33.26
C LEU A 300 -15.04 -3.45 32.86
N SER A 301 -15.25 -4.48 32.05
CA SER A 301 -14.15 -5.37 31.65
C SER A 301 -13.84 -5.36 30.17
N ASP A 302 -12.61 -5.70 29.81
CA ASP A 302 -12.23 -5.77 28.42
C ASP A 302 -13.16 -6.76 27.74
N GLU A 303 -13.35 -7.91 28.36
CA GLU A 303 -14.23 -8.94 27.79
C GLU A 303 -15.58 -8.33 27.56
N ASP A 304 -15.85 -7.22 28.26
CA ASP A 304 -17.13 -6.50 28.11
C ASP A 304 -17.10 -5.73 26.78
N VAL A 305 -16.02 -4.99 26.56
CA VAL A 305 -15.83 -4.23 25.34
C VAL A 305 -15.89 -5.20 24.16
N ALA A 306 -15.11 -6.26 24.23
CA ALA A 306 -15.08 -7.24 23.16
C ALA A 306 -16.46 -7.81 22.87
N LEU A 307 -17.31 -7.92 23.88
CA LEU A 307 -18.65 -8.43 23.65
C LEU A 307 -19.49 -7.34 22.96
N MET A 308 -19.27 -6.10 23.38
CA MET A 308 -19.98 -4.97 22.79
C MET A 308 -19.71 -4.94 21.30
N VAL A 309 -18.43 -4.90 20.97
CA VAL A 309 -18.01 -4.86 19.58
C VAL A 309 -18.55 -6.06 18.82
N ARG A 310 -18.38 -7.25 19.40
CA ARG A 310 -18.85 -8.48 18.79
C ARG A 310 -20.34 -8.38 18.50
N GLN A 311 -21.08 -7.79 19.42
CA GLN A 311 -22.52 -7.62 19.29
C GLN A 311 -22.92 -6.69 18.14
N ALA A 312 -22.25 -5.55 18.04
CA ALA A 312 -22.56 -4.58 17.00
C ALA A 312 -22.13 -5.02 15.62
N ARG A 313 -21.08 -5.85 15.54
CA ARG A 313 -20.56 -6.34 14.26
C ARG A 313 -21.59 -6.52 13.14
N GLY A 314 -22.79 -6.99 13.50
CA GLY A 314 -23.83 -7.22 12.52
C GLY A 314 -24.69 -6.02 12.18
N LEU A 315 -24.87 -5.14 13.17
CA LEU A 315 -25.68 -3.93 13.04
C LEU A 315 -25.52 -3.15 11.76
N PRO A 316 -26.63 -2.61 11.23
CA PRO A 316 -26.59 -1.84 9.98
C PRO A 316 -25.50 -0.76 10.02
N SER A 317 -24.55 -0.89 9.10
CA SER A 317 -23.42 0.01 9.02
C SER A 317 -23.68 1.45 8.58
N GLN A 318 -23.06 2.41 9.29
CA GLN A 318 -23.10 3.82 8.93
C GLN A 318 -21.78 3.82 8.14
N LYS A 319 -21.56 4.75 7.22
CA LYS A 319 -20.32 4.64 6.39
C LYS A 319 -18.93 4.59 7.04
N ARG A 320 -18.66 5.51 7.94
CA ARG A 320 -17.39 5.56 8.66
C ARG A 320 -17.55 5.82 10.13
N LEU A 321 -18.51 5.10 10.66
CA LEU A 321 -18.91 5.18 12.04
C LEU A 321 -18.90 3.77 12.60
N PHE A 322 -18.15 3.55 13.68
CA PHE A 322 -18.11 2.23 14.32
C PHE A 322 -19.54 1.86 14.63
N PRO A 323 -19.93 0.59 14.40
CA PRO A 323 -21.29 0.13 14.68
C PRO A 323 -21.72 0.26 16.13
N TRP A 324 -20.76 0.09 17.05
CA TRP A 324 -21.01 0.20 18.49
C TRP A 324 -20.83 1.65 18.94
N LYS A 325 -21.81 2.16 19.67
CA LYS A 325 -21.72 3.52 20.14
C LYS A 325 -21.76 3.59 21.65
N LEU A 326 -20.86 4.39 22.21
CA LEU A 326 -20.76 4.57 23.64
C LEU A 326 -21.80 5.54 24.19
N HIS A 327 -22.13 5.38 25.47
CA HIS A 327 -23.06 6.23 26.17
C HIS A 327 -22.37 6.59 27.46
N ILE A 328 -21.68 7.72 27.43
CA ILE A 328 -20.95 8.19 28.59
C ILE A 328 -21.89 8.85 29.58
N THR A 329 -21.75 8.50 30.85
CA THR A 329 -22.57 9.07 31.94
C THR A 329 -21.68 9.53 33.09
N GLN A 330 -22.22 10.42 33.91
CA GLN A 330 -21.51 10.95 35.07
C GLN A 330 -21.40 9.83 36.09
N LYS A 331 -20.30 9.81 36.83
CA LYS A 331 -20.06 8.76 37.84
C LYS A 331 -20.15 9.26 39.27
N ASP A 332 -20.95 8.57 40.08
CA ASP A 332 -21.12 8.89 41.49
C ASP A 332 -20.75 7.66 42.34
N ALA B 11 -29.38 4.90 -14.69
CA ALA B 11 -28.26 5.44 -13.87
C ALA B 11 -28.26 4.72 -12.53
N GLU B 12 -29.43 4.66 -11.91
CA GLU B 12 -29.58 3.96 -10.62
C GLU B 12 -29.53 2.48 -10.98
N SER B 13 -30.01 2.17 -12.17
CA SER B 13 -30.04 0.81 -12.68
C SER B 13 -28.87 0.60 -13.63
N ASP B 14 -28.32 1.71 -14.14
CA ASP B 14 -27.18 1.62 -15.04
C ASP B 14 -25.97 1.19 -14.22
N PHE B 15 -25.52 2.05 -13.31
CA PHE B 15 -24.38 1.74 -12.45
C PHE B 15 -24.49 0.31 -11.95
N GLU B 16 -25.38 0.08 -11.00
CA GLU B 16 -25.59 -1.25 -10.44
C GLU B 16 -25.21 -2.40 -11.38
N GLN B 17 -25.57 -2.30 -12.65
CA GLN B 17 -25.28 -3.33 -13.63
C GLN B 17 -23.82 -3.38 -14.08
N LEU B 18 -23.00 -2.51 -13.48
CA LEU B 18 -21.57 -2.40 -13.78
C LEU B 18 -20.80 -3.12 -12.66
N PRO B 19 -19.90 -4.05 -13.04
CA PRO B 19 -19.09 -4.84 -12.10
C PRO B 19 -18.38 -4.03 -11.05
N ASP B 20 -18.15 -4.65 -9.90
CA ASP B 20 -17.49 -3.98 -8.77
C ASP B 20 -16.23 -3.25 -9.12
N ASP B 21 -15.39 -3.87 -9.93
CA ASP B 21 -14.10 -3.28 -10.28
C ASP B 21 -14.03 -2.22 -11.38
N VAL B 22 -15.13 -1.62 -11.80
CA VAL B 22 -15.00 -0.59 -12.82
C VAL B 22 -14.31 0.58 -12.12
N ALA B 23 -13.30 1.14 -12.74
CA ALA B 23 -12.63 2.26 -12.14
C ALA B 23 -13.56 3.45 -12.20
N ILE B 24 -13.95 4.02 -11.07
CA ILE B 24 -14.84 5.18 -11.11
C ILE B 24 -14.09 6.50 -10.93
N SER B 25 -12.85 6.41 -10.41
CA SER B 25 -12.03 7.61 -10.19
C SER B 25 -10.54 7.30 -10.31
N ALA B 26 -9.82 8.11 -11.07
CA ALA B 26 -8.39 7.91 -11.24
C ALA B 26 -7.68 9.22 -11.06
N ASN B 27 -6.94 9.34 -9.94
CA ASN B 27 -6.20 10.57 -9.64
C ASN B 27 -4.72 10.31 -9.42
N ILE B 28 -3.86 11.19 -9.94
CA ILE B 28 -2.41 11.06 -9.81
C ILE B 28 -1.91 11.37 -8.40
N ALA B 29 -1.20 10.43 -7.78
CA ALA B 29 -0.70 10.63 -6.42
C ALA B 29 0.77 11.03 -6.37
N ASP B 30 1.57 10.46 -7.26
CA ASP B 30 2.98 10.77 -7.28
C ASP B 30 3.62 10.29 -8.58
N ILE B 31 4.86 10.72 -8.81
CA ILE B 31 5.62 10.32 -10.01
C ILE B 31 7.00 9.81 -9.57
N GLU B 32 7.45 8.71 -10.19
CA GLU B 32 8.74 8.13 -9.85
C GLU B 32 9.58 7.98 -11.10
N GLU B 33 10.90 7.96 -10.94
CA GLU B 33 11.79 7.77 -12.08
C GLU B 33 12.10 6.28 -12.22
N LYS B 34 12.08 5.78 -13.45
CA LYS B 34 12.35 4.38 -13.73
C LYS B 34 13.59 4.20 -14.62
N ARG B 35 14.49 3.32 -14.17
CA ARG B 35 15.72 3.02 -14.91
C ARG B 35 15.46 1.88 -15.86
N GLY B 36 14.75 2.20 -16.94
CA GLY B 36 14.43 1.18 -17.91
C GLY B 36 15.29 1.23 -19.13
N PHE B 37 14.71 0.94 -20.28
CA PHE B 37 15.47 0.99 -21.51
C PHE B 37 15.90 2.45 -21.65
N THR B 38 15.13 3.30 -21.03
CA THR B 38 15.40 4.72 -21.05
C THR B 38 15.06 5.18 -19.63
N SER B 39 15.44 6.40 -19.30
CA SER B 39 15.13 6.89 -17.94
C SER B 39 13.95 7.86 -18.05
N HIS B 40 12.75 7.26 -18.02
CA HIS B 40 11.50 7.99 -18.11
C HIS B 40 10.88 8.10 -16.74
N PHE B 41 9.71 8.69 -16.71
CA PHE B 41 8.93 8.89 -15.49
C PHE B 41 7.59 8.17 -15.55
N VAL B 42 7.20 7.61 -14.42
CA VAL B 42 5.92 6.92 -14.36
C VAL B 42 5.03 7.68 -13.40
N PHE B 43 3.75 7.75 -13.72
CA PHE B 43 2.79 8.43 -12.89
C PHE B 43 2.16 7.40 -11.97
N VAL B 44 2.24 7.65 -10.68
CA VAL B 44 1.66 6.76 -9.69
C VAL B 44 0.23 7.24 -9.53
N ILE B 45 -0.67 6.49 -10.14
CA ILE B 45 -2.07 6.83 -10.16
C ILE B 45 -2.90 6.09 -9.11
N GLU B 46 -3.85 6.82 -8.53
CA GLU B 46 -4.75 6.26 -7.53
C GLU B 46 -6.11 5.95 -8.14
N VAL B 47 -6.54 4.72 -7.97
CA VAL B 47 -7.80 4.27 -8.54
C VAL B 47 -8.78 3.69 -7.52
N LYS B 48 -10.00 4.22 -7.55
CA LYS B 48 -11.08 3.78 -6.68
C LYS B 48 -12.13 3.22 -7.62
N THR B 49 -12.51 1.96 -7.39
CA THR B 49 -13.51 1.29 -8.20
C THR B 49 -14.93 1.54 -7.64
N LYS B 50 -15.98 1.23 -8.39
CA LYS B 50 -17.35 1.46 -7.89
C LYS B 50 -17.66 0.47 -6.77
N GLY B 51 -16.91 -0.64 -6.77
CA GLY B 51 -17.10 -1.67 -5.77
C GLY B 51 -16.54 -1.32 -4.42
N GLY B 52 -15.84 -0.19 -4.34
CA GLY B 52 -15.30 0.25 -3.07
C GLY B 52 -13.84 -0.03 -2.77
N SER B 53 -13.09 -0.58 -3.73
CA SER B 53 -11.66 -0.82 -3.48
C SER B 53 -10.75 0.27 -4.06
N LYS B 54 -9.51 0.28 -3.60
CA LYS B 54 -8.52 1.27 -4.03
C LYS B 54 -7.20 0.56 -4.33
N TYR B 55 -6.45 1.09 -5.29
CA TYR B 55 -5.17 0.51 -5.66
C TYR B 55 -4.39 1.52 -6.50
N LEU B 56 -3.10 1.28 -6.68
CA LEU B 56 -2.30 2.22 -7.46
C LEU B 56 -1.75 1.58 -8.71
N ILE B 57 -1.61 2.39 -9.74
CA ILE B 57 -1.09 1.87 -10.98
C ILE B 57 0.03 2.77 -11.40
N TYR B 58 0.96 2.20 -12.16
CA TYR B 58 2.10 2.96 -12.65
C TYR B 58 2.01 3.03 -14.17
N ARG B 59 1.84 4.24 -14.68
CA ARG B 59 1.70 4.42 -16.11
C ARG B 59 2.59 5.55 -16.60
N ARG B 60 3.22 5.35 -17.74
CA ARG B 60 4.07 6.40 -18.28
C ARG B 60 3.28 7.13 -19.33
N TYR B 61 3.53 8.43 -19.48
CA TYR B 61 2.80 9.24 -20.46
C TYR B 61 2.64 8.59 -21.81
N ARG B 62 3.66 7.89 -22.28
CA ARG B 62 3.54 7.29 -23.59
C ARG B 62 2.53 6.15 -23.58
N GLN B 63 1.95 5.87 -22.41
CA GLN B 63 0.95 4.82 -22.31
C GLN B 63 -0.45 5.44 -22.36
N PHE B 64 -0.50 6.74 -22.08
CA PHE B 64 -1.74 7.48 -22.12
C PHE B 64 -2.01 7.71 -23.58
N HIS B 65 -0.99 8.22 -24.25
CA HIS B 65 -1.07 8.47 -25.67
C HIS B 65 -1.35 7.16 -26.38
N ALA B 66 -0.91 6.06 -25.79
CA ALA B 66 -1.12 4.75 -26.39
C ALA B 66 -2.57 4.33 -26.36
N LEU B 67 -3.33 4.88 -25.41
CA LEU B 67 -4.75 4.57 -25.27
C LEU B 67 -5.55 5.45 -26.20
N GLN B 68 -5.23 6.73 -26.21
CA GLN B 68 -5.93 7.67 -27.07
C GLN B 68 -5.92 7.16 -28.50
N SER B 69 -4.76 6.75 -28.99
CA SER B 69 -4.67 6.23 -30.35
C SER B 69 -5.62 5.08 -30.56
N LYS B 70 -5.66 4.17 -29.59
CA LYS B 70 -6.53 3.00 -29.64
C LYS B 70 -8.00 3.38 -29.57
N LEU B 71 -8.31 4.42 -28.81
CA LEU B 71 -9.69 4.83 -28.73
C LEU B 71 -10.14 5.43 -30.05
N GLU B 72 -9.25 6.17 -30.71
CA GLU B 72 -9.55 6.80 -31.99
C GLU B 72 -9.86 5.79 -33.09
N GLU B 73 -9.00 4.79 -33.25
CA GLU B 73 -9.27 3.81 -34.29
C GLU B 73 -10.66 3.21 -34.09
N ARG B 74 -11.10 3.08 -32.86
CA ARG B 74 -12.41 2.50 -32.59
C ARG B 74 -13.56 3.49 -32.77
N PHE B 75 -13.40 4.68 -32.19
CA PHE B 75 -14.44 5.70 -32.23
C PHE B 75 -14.32 6.88 -33.22
N GLY B 76 -13.18 7.01 -33.91
CA GLY B 76 -13.03 8.11 -34.85
C GLY B 76 -13.80 8.00 -36.16
N LYS B 80 -17.15 12.11 -31.64
CA LYS B 80 -18.48 12.30 -31.07
C LYS B 80 -19.51 11.29 -31.61
N SER B 81 -20.34 10.75 -30.71
CA SER B 81 -21.36 9.79 -31.12
C SER B 81 -22.71 10.17 -30.62
N SER B 82 -23.70 10.10 -31.51
CA SER B 82 -25.10 10.43 -31.23
C SER B 82 -25.81 9.25 -30.64
N ALA B 83 -25.43 8.06 -31.10
CA ALA B 83 -26.00 6.83 -30.63
C ALA B 83 -25.58 6.62 -29.21
N LEU B 84 -24.29 6.82 -28.97
CA LEU B 84 -23.74 6.64 -27.64
C LEU B 84 -23.91 7.87 -26.77
N ALA B 85 -24.09 9.03 -27.39
CA ALA B 85 -24.26 10.32 -26.68
C ALA B 85 -22.90 10.53 -26.11
N THR B 87 -18.45 12.26 -26.44
CA THR B 87 -17.37 12.91 -27.14
C THR B 87 -16.04 12.55 -26.51
N LEU B 88 -15.17 11.92 -27.29
CA LEU B 88 -13.86 11.52 -26.80
C LEU B 88 -12.97 12.66 -26.42
N PRO B 89 -12.37 12.58 -25.23
CA PRO B 89 -11.46 13.62 -24.76
C PRO B 89 -10.20 13.50 -25.60
N THR B 90 -9.23 14.38 -25.36
CA THR B 90 -7.99 14.32 -26.11
C THR B 90 -6.80 14.86 -25.35
N LEU B 91 -5.63 14.29 -25.63
CA LEU B 91 -4.39 14.67 -24.99
C LEU B 91 -3.77 15.90 -25.63
N PRO B 92 -3.49 16.94 -24.82
CA PRO B 92 -2.89 18.16 -25.32
C PRO B 92 -1.38 18.05 -25.52
N GLY B 98 11.33 21.80 -19.97
CA GLY B 98 12.32 21.18 -20.83
C GLY B 98 12.95 19.89 -20.30
N VAL B 99 13.07 19.75 -18.98
CA VAL B 99 13.67 18.54 -18.37
C VAL B 99 12.68 17.42 -18.06
N LYS B 100 13.10 16.18 -18.32
CA LYS B 100 12.25 15.02 -18.07
C LYS B 100 11.34 15.11 -16.83
N GLN B 101 11.91 15.33 -15.65
CA GLN B 101 11.08 15.39 -14.46
C GLN B 101 10.26 16.66 -14.36
N GLU B 102 10.78 17.76 -14.88
CA GLU B 102 10.04 19.00 -14.83
C GLU B 102 8.78 18.78 -15.68
N ILE B 103 8.97 18.34 -16.92
CA ILE B 103 7.86 18.07 -17.85
C ILE B 103 6.77 17.24 -17.20
N ALA B 104 7.12 16.04 -16.78
CA ALA B 104 6.17 15.13 -16.15
C ALA B 104 5.33 15.86 -15.11
N GLU B 105 5.95 16.83 -14.43
CA GLU B 105 5.28 17.61 -13.41
C GLU B 105 4.32 18.61 -14.06
N MET B 106 4.71 19.08 -15.23
CA MET B 106 3.91 20.03 -15.99
C MET B 106 2.62 19.33 -16.43
N ARG B 107 2.71 18.02 -16.63
CA ARG B 107 1.58 17.22 -17.08
C ARG B 107 0.54 16.80 -16.03
N ILE B 108 1.00 16.52 -14.81
CA ILE B 108 0.14 16.09 -13.72
C ILE B 108 -1.29 16.64 -13.71
N PRO B 109 -1.52 17.83 -14.30
CA PRO B 109 -2.92 18.27 -14.23
C PRO B 109 -3.73 17.86 -15.46
N ALA B 110 -3.12 17.99 -16.63
CA ALA B 110 -3.77 17.66 -17.89
C ALA B 110 -4.18 16.19 -17.91
N LEU B 111 -3.33 15.35 -17.35
CA LEU B 111 -3.61 13.93 -17.31
C LEU B 111 -4.68 13.63 -16.28
N ASN B 112 -4.71 14.42 -15.21
CA ASN B 112 -5.72 14.18 -14.19
C ASN B 112 -7.08 14.50 -14.78
N ALA B 113 -7.10 15.43 -15.73
CA ALA B 113 -8.34 15.81 -16.41
C ALA B 113 -8.74 14.68 -17.36
N TYR B 114 -7.81 14.31 -18.24
CA TYR B 114 -8.01 13.24 -19.22
C TYR B 114 -8.68 12.01 -18.63
N MET B 115 -8.16 11.51 -17.51
CA MET B 115 -8.72 10.32 -16.89
C MET B 115 -10.11 10.58 -16.32
N LYS B 116 -10.38 11.83 -15.99
CA LYS B 116 -11.68 12.21 -15.44
C LYS B 116 -12.73 12.13 -16.54
N SER B 117 -12.36 12.62 -17.71
CA SER B 117 -13.24 12.59 -18.86
C SER B 117 -13.50 11.15 -19.21
N LEU B 118 -12.44 10.42 -19.51
CA LEU B 118 -12.58 9.02 -19.85
C LEU B 118 -13.51 8.32 -18.88
N LEU B 119 -13.27 8.51 -17.59
CA LEU B 119 -14.07 7.86 -16.59
C LEU B 119 -15.47 8.44 -16.35
N SER B 120 -15.85 9.39 -17.18
CA SER B 120 -17.17 9.99 -17.06
C SER B 120 -17.91 9.80 -18.36
N LEU B 121 -17.50 8.84 -19.18
CA LEU B 121 -18.18 8.58 -20.44
C LEU B 121 -19.29 7.58 -20.18
N PRO B 122 -20.12 7.32 -21.19
CA PRO B 122 -21.22 6.37 -21.08
C PRO B 122 -20.73 5.09 -20.46
N VAL B 123 -21.58 4.42 -19.71
CA VAL B 123 -21.19 3.19 -19.08
C VAL B 123 -20.74 2.16 -20.09
N TRP B 124 -21.35 2.14 -21.27
CA TRP B 124 -20.94 1.15 -22.26
C TRP B 124 -19.50 1.44 -22.72
N VAL B 125 -19.10 2.71 -22.70
CA VAL B 125 -17.76 3.09 -23.09
C VAL B 125 -16.77 2.73 -21.97
N LEU B 126 -17.21 2.85 -20.71
CA LEU B 126 -16.36 2.52 -19.55
C LEU B 126 -15.94 1.08 -19.59
N MET B 127 -16.66 0.29 -20.37
CA MET B 127 -16.36 -1.12 -20.43
C MET B 127 -15.45 -1.51 -21.58
N ASP B 128 -14.92 -0.52 -22.31
CA ASP B 128 -14.06 -0.82 -23.46
C ASP B 128 -12.82 -1.57 -23.02
N GLU B 129 -12.54 -2.70 -23.67
CA GLU B 129 -11.39 -3.51 -23.31
C GLU B 129 -10.21 -2.65 -22.95
N ASP B 130 -9.84 -1.76 -23.87
CA ASP B 130 -8.69 -0.89 -23.66
C ASP B 130 -8.78 0.05 -22.47
N VAL B 131 -9.90 0.72 -22.29
CA VAL B 131 -10.05 1.63 -21.17
C VAL B 131 -9.96 0.85 -19.87
N ARG B 132 -10.49 -0.36 -19.90
CA ARG B 132 -10.50 -1.22 -18.72
C ARG B 132 -9.14 -1.67 -18.33
N ILE B 133 -8.38 -2.16 -19.31
CA ILE B 133 -7.02 -2.64 -19.07
C ILE B 133 -6.12 -1.49 -18.69
N PHE B 134 -6.47 -0.28 -19.11
CA PHE B 134 -5.62 0.84 -18.77
C PHE B 134 -5.70 1.21 -17.30
N PHE B 135 -6.88 1.05 -16.69
CA PHE B 135 -7.04 1.42 -15.30
C PHE B 135 -6.97 0.23 -14.36
N TYR B 136 -7.10 -0.97 -14.89
CA TYR B 136 -7.05 -2.17 -14.06
C TYR B 136 -5.65 -2.40 -13.50
N GLN B 137 -5.59 -3.13 -12.37
CA GLN B 137 -4.32 -3.42 -11.74
C GLN B 137 -3.59 -4.58 -12.41
N SER B 138 -2.62 -4.26 -13.25
CA SER B 138 -1.87 -5.29 -13.96
C SER B 138 -1.00 -6.05 -13.01
N PRO B 139 -0.65 -7.29 -13.33
CA PRO B 139 0.20 -8.11 -12.47
C PRO B 139 1.52 -7.39 -12.20
N TYR B 140 1.91 -6.51 -13.11
CA TYR B 140 3.13 -5.75 -12.95
C TYR B 140 2.91 -4.63 -11.95
N ASP B 141 1.66 -4.21 -11.81
CA ASP B 141 1.29 -3.16 -10.88
C ASP B 141 1.33 -3.71 -9.45
N SER B 142 1.01 -4.99 -9.33
CA SER B 142 0.96 -5.65 -8.05
C SER B 142 2.31 -6.02 -7.49
N GLU B 143 3.34 -5.88 -8.29
CA GLU B 143 4.67 -6.20 -7.80
C GLU B 143 5.36 -4.93 -7.32
N GLN B 144 4.63 -3.82 -7.32
CA GLN B 144 5.20 -2.55 -6.92
C GLN B 144 4.55 -1.78 -5.78
N VAL B 145 5.39 -1.24 -4.92
CA VAL B 145 4.98 -0.45 -3.79
C VAL B 145 5.54 0.92 -4.11
N PRO B 146 4.80 1.99 -3.81
CA PRO B 146 5.38 3.30 -4.15
C PRO B 146 6.77 3.44 -3.56
N GLN B 147 7.65 4.11 -4.29
CA GLN B 147 9.00 4.31 -3.83
C GLN B 147 8.98 5.14 -2.54
N ALA B 148 8.41 6.35 -2.59
CA ALA B 148 8.38 7.22 -1.41
C ALA B 148 7.92 6.55 -0.10
N LEU B 149 7.15 5.45 -0.18
CA LEU B 149 6.70 4.76 1.08
C LEU B 149 7.71 3.70 1.61
N ARG B 150 8.49 3.10 0.71
CA ARG B 150 9.47 2.08 1.08
C ARG B 150 10.63 2.63 1.90
N ARG B 151 10.96 3.90 1.73
CA ARG B 151 12.07 4.47 2.46
C ARG B 151 11.63 5.05 3.80
N PRO B 175 28.31 -13.27 9.80
CA PRO B 175 28.25 -14.58 9.14
C PRO B 175 29.59 -15.29 9.28
N ARG B 176 29.66 -16.52 8.79
CA ARG B 176 30.91 -17.25 8.93
C ARG B 176 31.08 -18.44 8.00
N ALA B 177 32.27 -19.02 8.09
CA ALA B 177 32.67 -20.18 7.32
C ALA B 177 33.84 -20.81 8.08
N GLU B 178 33.87 -22.13 8.18
CA GLU B 178 34.94 -22.82 8.89
C GLU B 178 35.80 -23.70 7.97
N ALA B 179 37.11 -23.56 8.10
CA ALA B 179 38.06 -24.32 7.28
C ALA B 179 37.88 -25.83 7.36
N LEU B 180 37.64 -26.46 6.21
CA LEU B 180 37.45 -27.91 6.11
C LEU B 180 38.71 -28.72 5.74
N PHE B 181 39.56 -28.13 4.90
CA PHE B 181 40.81 -28.75 4.45
C PHE B 181 41.79 -27.63 4.86
N ASP B 182 43.02 -27.64 4.38
CA ASP B 182 43.95 -26.57 4.76
C ASP B 182 44.25 -25.72 3.52
N PHE B 183 44.25 -24.38 3.67
CA PHE B 183 44.50 -23.54 2.51
C PHE B 183 45.67 -22.58 2.53
N THR B 184 46.48 -22.66 1.48
CA THR B 184 47.64 -21.80 1.28
C THR B 184 47.60 -21.40 -0.21
N GLY B 185 47.39 -20.11 -0.45
CA GLY B 185 47.32 -19.62 -1.82
C GLY B 185 48.65 -19.18 -2.37
N ASN B 186 48.82 -19.28 -3.69
CA ASN B 186 50.07 -18.91 -4.36
C ASN B 186 50.21 -17.44 -4.70
N SER B 187 49.16 -16.65 -4.53
CA SER B 187 49.24 -15.23 -4.84
C SER B 187 49.02 -14.36 -3.62
N LYS B 188 49.38 -13.09 -3.75
CA LYS B 188 49.18 -12.16 -2.65
C LYS B 188 47.69 -11.84 -2.67
N LEU B 189 46.99 -12.35 -3.68
CA LEU B 189 45.55 -12.13 -3.80
C LEU B 189 44.76 -13.15 -2.99
N GLU B 190 45.19 -14.41 -3.05
CA GLU B 190 44.53 -15.49 -2.33
C GLU B 190 44.77 -15.43 -0.85
N LEU B 191 43.72 -15.77 -0.09
CA LEU B 191 43.78 -15.75 1.36
C LEU B 191 44.45 -17.02 1.88
N ASN B 192 45.17 -16.89 2.99
CA ASN B 192 45.83 -18.05 3.59
C ASN B 192 45.20 -18.29 4.96
N PHE B 193 44.72 -19.52 5.18
CA PHE B 193 44.06 -19.86 6.44
C PHE B 193 44.25 -21.31 6.89
N LYS B 194 44.42 -21.48 8.20
CA LYS B 194 44.63 -22.80 8.79
C LYS B 194 43.30 -23.51 9.09
N ALA B 195 43.34 -24.85 9.05
CA ALA B 195 42.16 -25.69 9.30
C ALA B 195 41.42 -25.35 10.60
N GLY B 196 40.10 -25.44 10.57
CA GLY B 196 39.32 -25.13 11.74
C GLY B 196 38.98 -23.66 11.88
N ASP B 197 39.86 -22.79 11.38
CA ASP B 197 39.65 -21.35 11.45
C ASP B 197 38.26 -20.92 10.99
N VAL B 198 37.74 -19.87 11.61
CA VAL B 198 36.43 -19.34 11.28
C VAL B 198 36.59 -18.07 10.47
N ILE B 199 36.57 -18.24 9.15
CA ILE B 199 36.71 -17.12 8.22
C ILE B 199 35.38 -16.42 8.01
N PHE B 200 35.37 -15.13 8.29
CA PHE B 200 34.17 -14.33 8.11
C PHE B 200 34.14 -13.91 6.65
N LEU B 201 33.09 -14.33 5.95
CA LEU B 201 32.95 -14.01 4.53
C LEU B 201 32.64 -12.53 4.35
N LEU B 202 33.02 -11.97 3.21
CA LEU B 202 32.74 -10.59 2.91
C LEU B 202 31.93 -10.52 1.63
N SER B 203 32.39 -11.20 0.58
CA SER B 203 31.62 -11.23 -0.67
C SER B 203 32.07 -12.36 -1.60
N ARG B 204 31.15 -12.93 -2.36
CA ARG B 204 31.50 -13.99 -3.27
C ARG B 204 32.08 -13.38 -4.54
N ILE B 205 32.94 -14.13 -5.21
CA ILE B 205 33.57 -13.67 -6.44
C ILE B 205 32.79 -14.29 -7.58
N ASN B 206 32.62 -15.60 -7.50
CA ASN B 206 31.87 -16.34 -8.50
C ASN B 206 31.23 -17.58 -7.87
N LYS B 207 30.98 -18.60 -8.69
CA LYS B 207 30.35 -19.83 -8.22
C LYS B 207 31.18 -20.61 -7.22
N ASP B 208 32.48 -20.72 -7.47
CA ASP B 208 33.35 -21.51 -6.60
C ASP B 208 34.39 -20.75 -5.77
N TRP B 209 34.35 -19.43 -5.80
CA TRP B 209 35.32 -18.62 -5.05
C TRP B 209 34.68 -17.51 -4.24
N LEU B 210 35.05 -17.45 -2.97
CA LEU B 210 34.51 -16.43 -2.10
C LEU B 210 35.67 -15.65 -1.52
N GLU B 211 35.42 -14.38 -1.21
CA GLU B 211 36.45 -13.54 -0.62
C GLU B 211 36.06 -13.44 0.85
N GLY B 212 37.05 -13.33 1.73
CA GLY B 212 36.74 -13.23 3.14
C GLY B 212 37.86 -12.63 3.95
N THR B 213 37.79 -12.78 5.27
CA THR B 213 38.81 -12.28 6.16
C THR B 213 39.16 -13.36 7.18
N VAL B 214 40.29 -13.19 7.84
CA VAL B 214 40.76 -14.14 8.85
C VAL B 214 42.20 -13.79 9.21
N ARG B 215 42.55 -13.99 10.48
CA ARG B 215 43.89 -13.69 10.97
C ARG B 215 44.53 -12.47 10.29
N GLY B 216 44.01 -11.29 10.64
CA GLY B 216 44.52 -10.03 10.10
C GLY B 216 44.82 -9.94 8.62
N ALA B 217 43.87 -10.37 7.79
CA ALA B 217 44.06 -10.32 6.35
C ALA B 217 42.79 -10.70 5.59
N THR B 218 42.78 -10.39 4.30
CA THR B 218 41.64 -10.68 3.44
C THR B 218 42.12 -11.13 2.06
N GLY B 219 41.26 -11.81 1.30
CA GLY B 219 41.62 -12.27 -0.02
C GLY B 219 40.63 -13.30 -0.51
N ILE B 220 40.82 -13.79 -1.72
CA ILE B 220 39.86 -14.77 -2.22
C ILE B 220 40.22 -16.15 -1.67
N PHE B 221 39.46 -17.16 -2.10
CA PHE B 221 39.66 -18.56 -1.69
C PHE B 221 38.49 -19.38 -2.17
N PRO B 222 38.71 -20.67 -2.45
CA PRO B 222 37.65 -21.56 -2.93
C PRO B 222 36.60 -21.92 -1.89
N LEU B 223 35.38 -22.14 -2.35
CA LEU B 223 34.27 -22.50 -1.46
C LEU B 223 34.40 -23.97 -1.12
N SER B 224 34.92 -24.74 -2.06
CA SER B 224 35.08 -26.17 -1.86
C SER B 224 36.01 -26.48 -0.70
N PHE B 225 36.69 -25.47 -0.16
CA PHE B 225 37.57 -25.69 0.98
C PHE B 225 36.88 -25.32 2.29
N VAL B 226 36.02 -24.28 2.26
CA VAL B 226 35.33 -23.82 3.47
C VAL B 226 33.91 -24.36 3.66
N LYS B 227 33.39 -24.20 4.88
CA LYS B 227 32.04 -24.61 5.30
C LYS B 227 31.34 -23.33 5.71
N ILE B 228 30.01 -23.23 5.63
CA ILE B 228 29.46 -21.92 5.97
C ILE B 228 28.07 -21.63 6.53
N LEU B 229 27.94 -20.36 6.94
CA LEU B 229 26.72 -19.71 7.48
C LEU B 229 26.70 -18.34 6.74
N LYS B 230 26.13 -18.36 5.53
CA LYS B 230 26.03 -17.22 4.58
C LYS B 230 25.61 -15.79 4.94
N ASP B 231 25.88 -14.89 3.99
CA ASP B 231 25.55 -13.47 4.11
C ASP B 231 24.06 -13.33 3.79
N PHE B 232 23.52 -12.13 3.97
CA PHE B 232 22.11 -11.82 3.69
C PHE B 232 21.85 -11.80 2.18
N PRO B 233 20.57 -11.95 1.74
CA PRO B 233 20.29 -11.94 0.30
C PRO B 233 20.30 -10.53 -0.33
N ASP B 237 16.87 -7.47 -3.66
CA ASP B 237 16.07 -6.61 -4.54
C ASP B 237 16.42 -6.87 -6.01
N PRO B 238 15.60 -7.69 -6.69
CA PRO B 238 15.82 -8.02 -8.10
C PRO B 238 15.39 -6.93 -9.07
N THR B 239 15.67 -7.18 -10.35
CA THR B 239 15.35 -6.26 -11.44
C THR B 239 15.30 -7.13 -12.68
N ASN B 240 15.22 -6.52 -13.86
CA ASN B 240 15.20 -7.30 -15.09
C ASN B 240 16.45 -7.08 -15.92
N TRP B 241 17.07 -8.17 -16.35
CA TRP B 241 18.29 -8.12 -17.14
C TRP B 241 18.12 -8.51 -18.59
N LEU B 242 18.45 -7.57 -19.48
CA LEU B 242 18.39 -7.84 -20.91
C LEU B 242 19.83 -8.11 -21.25
N ARG B 243 20.08 -9.19 -21.98
CA ARG B 243 21.45 -9.49 -22.34
C ARG B 243 21.76 -9.24 -23.82
N CYS B 244 22.89 -8.59 -24.05
CA CYS B 244 23.35 -8.24 -25.38
C CYS B 244 24.58 -9.09 -25.79
N TYR B 245 24.93 -9.00 -27.07
CA TYR B 245 26.08 -9.68 -27.65
C TYR B 245 26.77 -8.66 -28.56
N TYR B 246 28.03 -8.35 -28.25
CA TYR B 246 28.81 -7.35 -29.00
C TYR B 246 29.90 -8.00 -29.87
N TYR B 247 29.88 -7.72 -31.17
CA TYR B 247 30.88 -8.29 -32.09
C TYR B 247 31.85 -7.24 -32.66
N GLU B 248 33.14 -7.57 -32.73
CA GLU B 248 34.17 -6.63 -33.25
C GLU B 248 34.88 -7.02 -34.58
N ASP B 249 36.09 -7.59 -34.51
CA ASP B 249 36.89 -8.06 -35.72
C ASP B 249 35.99 -9.16 -36.30
N THR B 250 35.91 -10.23 -35.51
CA THR B 250 34.97 -11.36 -35.71
C THR B 250 34.31 -11.45 -34.29
N ILE B 251 35.20 -11.43 -33.30
CA ILE B 251 34.92 -11.48 -31.83
C ILE B 251 33.70 -10.81 -31.13
N SER B 252 33.19 -11.44 -30.05
CA SER B 252 32.04 -10.93 -29.28
C SER B 252 32.11 -10.89 -27.73
N THR B 253 31.45 -9.88 -27.15
CA THR B 253 31.36 -9.65 -25.71
C THR B 253 29.92 -9.90 -25.23
N ILE B 254 29.75 -10.55 -24.08
CA ILE B 254 28.41 -10.85 -23.54
C ILE B 254 28.06 -10.14 -22.23
N LYS B 255 27.48 -8.94 -22.33
CA LYS B 255 27.09 -8.13 -21.15
C LYS B 255 25.56 -8.12 -20.94
N ASP B 256 25.12 -8.03 -19.67
CA ASP B 256 23.69 -8.03 -19.30
C ASP B 256 23.25 -6.74 -18.61
N ILE B 257 22.49 -5.91 -19.34
CA ILE B 257 21.99 -4.64 -18.81
C ILE B 257 20.77 -4.83 -17.90
N ALA B 258 20.67 -3.99 -16.87
CA ALA B 258 19.56 -4.07 -15.93
C ALA B 258 18.54 -2.99 -16.22
N VAL B 259 17.39 -3.42 -16.72
CA VAL B 259 16.30 -2.51 -17.07
C VAL B 259 15.15 -2.68 -16.09
N GLU B 260 14.55 -1.56 -15.70
CA GLU B 260 13.43 -1.60 -14.78
C GLU B 260 12.19 -2.15 -15.47
N GLU B 261 12.03 -1.81 -16.75
CA GLU B 261 10.89 -2.24 -17.56
C GLU B 261 10.35 -3.64 -17.30
N ASP B 262 9.08 -3.83 -17.62
CA ASP B 262 8.38 -5.09 -17.44
C ASP B 262 8.83 -6.18 -18.43
N LEU B 263 9.12 -7.36 -17.90
CA LEU B 263 9.58 -8.50 -18.66
C LEU B 263 8.71 -8.90 -19.86
N SER B 264 7.54 -8.27 -20.01
CA SER B 264 6.64 -8.59 -21.11
C SER B 264 6.50 -7.42 -22.09
N SER B 265 6.93 -6.24 -21.65
CA SER B 265 6.86 -5.02 -22.45
C SER B 265 7.48 -5.15 -23.84
N THR B 266 7.35 -4.07 -24.62
CA THR B 266 7.90 -4.01 -25.96
C THR B 266 8.45 -2.61 -26.17
N PRO B 267 9.76 -2.49 -26.40
CA PRO B 267 10.35 -1.17 -26.59
C PRO B 267 10.46 -0.71 -28.05
N LEU B 268 10.48 0.61 -28.23
CA LEU B 268 10.62 1.16 -29.57
C LEU B 268 12.12 1.27 -29.86
N LEU B 269 12.56 0.79 -31.02
CA LEU B 269 13.96 0.85 -31.40
C LEU B 269 14.65 2.09 -30.83
N LYS B 270 14.02 3.25 -30.99
CA LYS B 270 14.58 4.51 -30.48
C LYS B 270 15.03 4.36 -29.02
N ASP B 271 14.39 3.43 -28.30
CA ASP B 271 14.72 3.16 -26.91
C ASP B 271 15.95 2.27 -26.89
N LEU B 272 15.80 1.03 -27.37
CA LEU B 272 16.90 0.06 -27.41
C LEU B 272 18.20 0.69 -27.87
N LEU B 273 18.12 1.53 -28.91
CA LEU B 273 19.32 2.16 -29.41
C LEU B 273 19.93 3.01 -28.31
N GLU B 274 19.15 3.97 -27.79
CA GLU B 274 19.66 4.81 -26.72
C GLU B 274 20.23 3.98 -25.57
N LEU B 275 19.72 2.77 -25.43
CA LEU B 275 20.20 1.88 -24.37
C LEU B 275 21.62 1.47 -24.70
N THR B 276 21.76 0.64 -25.74
CA THR B 276 23.06 0.15 -26.18
C THR B 276 24.09 1.26 -26.44
N ARG B 277 23.63 2.43 -26.86
CA ARG B 277 24.56 3.53 -27.12
C ARG B 277 25.18 4.03 -25.81
N ARG B 278 24.41 4.01 -24.71
CA ARG B 278 24.92 4.48 -23.44
C ARG B 278 25.90 3.52 -22.75
N GLU B 279 25.66 2.22 -22.90
CA GLU B 279 26.52 1.21 -22.27
C GLU B 279 27.74 0.79 -23.08
N PHE B 280 27.67 0.93 -24.41
CA PHE B 280 28.79 0.56 -25.27
C PHE B 280 29.54 1.80 -25.78
N GLN B 281 29.10 2.97 -25.34
CA GLN B 281 29.72 4.25 -25.69
C GLN B 281 29.96 4.56 -27.18
N ARG B 282 29.18 3.96 -28.07
CA ARG B 282 29.34 4.21 -29.51
C ARG B 282 28.01 4.53 -30.21
N GLU B 283 28.08 5.02 -31.44
CA GLU B 283 26.89 5.37 -32.20
C GLU B 283 26.78 4.57 -33.50
N ASP B 284 27.92 4.20 -34.06
CA ASP B 284 27.97 3.46 -35.30
C ASP B 284 27.80 1.94 -35.15
N ILE B 285 26.72 1.52 -34.48
CA ILE B 285 26.45 0.10 -34.28
C ILE B 285 25.11 -0.35 -34.87
N ALA B 286 24.93 -1.66 -35.03
CA ALA B 286 23.71 -2.21 -35.60
C ALA B 286 23.09 -3.29 -34.73
N LEU B 287 21.82 -3.11 -34.41
CA LEU B 287 21.07 -4.03 -33.56
C LEU B 287 20.47 -5.13 -34.44
N ASN B 288 20.46 -6.35 -33.91
CA ASN B 288 19.93 -7.49 -34.64
C ASN B 288 19.72 -8.65 -33.68
N TYR B 289 18.78 -9.54 -33.99
CA TYR B 289 18.52 -10.70 -33.15
C TYR B 289 18.77 -12.00 -33.91
N ARG B 290 19.00 -13.09 -33.19
CA ARG B 290 19.24 -14.37 -33.86
C ARG B 290 17.93 -15.12 -34.02
N ASP B 291 17.92 -16.10 -34.94
CA ASP B 291 16.72 -16.91 -35.20
C ASP B 291 17.08 -18.23 -35.82
N ASP B 295 20.31 -18.05 -37.96
CA ASP B 295 20.96 -16.89 -38.56
C ASP B 295 20.38 -15.59 -38.01
N LEU B 296 21.15 -14.50 -38.09
CA LEU B 296 20.72 -13.20 -37.58
C LEU B 296 19.80 -12.43 -38.51
N VAL B 297 19.24 -11.33 -38.00
CA VAL B 297 18.34 -10.47 -38.77
C VAL B 297 18.34 -9.09 -38.12
N ARG B 298 18.59 -8.06 -38.92
CA ARG B 298 18.66 -6.69 -38.41
C ARG B 298 17.30 -6.10 -38.07
N LEU B 299 17.28 -5.29 -37.03
CA LEU B 299 16.06 -4.61 -36.61
C LEU B 299 16.15 -3.25 -37.32
N LEU B 300 15.22 -2.99 -38.23
CA LEU B 300 15.19 -1.73 -38.99
C LEU B 300 14.23 -0.68 -38.41
N SER B 301 13.01 -1.10 -38.08
CA SER B 301 12.00 -0.21 -37.51
C SER B 301 11.39 -0.84 -36.27
N ASP B 302 10.57 -0.09 -35.55
CA ASP B 302 9.95 -0.59 -34.32
C ASP B 302 9.21 -1.90 -34.58
N GLU B 303 8.53 -1.97 -35.72
CA GLU B 303 7.78 -3.17 -36.09
C GLU B 303 8.72 -4.37 -36.01
N ASP B 304 9.95 -4.16 -36.48
CA ASP B 304 10.97 -5.22 -36.49
C ASP B 304 11.17 -5.74 -35.07
N VAL B 305 11.46 -4.80 -34.16
CA VAL B 305 11.68 -5.11 -32.76
C VAL B 305 10.59 -6.05 -32.26
N ALA B 306 9.34 -5.66 -32.48
CA ALA B 306 8.19 -6.45 -32.04
C ALA B 306 8.16 -7.90 -32.54
N LEU B 307 8.59 -8.15 -33.77
CA LEU B 307 8.61 -9.51 -34.30
C LEU B 307 9.67 -10.32 -33.54
N MET B 308 10.69 -9.62 -33.05
CA MET B 308 11.76 -10.26 -32.30
C MET B 308 11.28 -10.50 -30.88
N VAL B 309 10.50 -9.55 -30.36
CA VAL B 309 9.94 -9.63 -29.02
C VAL B 309 8.87 -10.72 -28.96
N ARG B 310 8.09 -10.84 -30.04
CA ARG B 310 7.06 -11.88 -30.12
C ARG B 310 7.82 -13.21 -30.16
N GLN B 311 8.89 -13.22 -30.93
CA GLN B 311 9.74 -14.40 -31.07
C GLN B 311 10.50 -14.60 -29.76
N PHE B 322 15.07 -11.31 -19.85
CA PHE B 322 14.18 -11.29 -21.00
C PHE B 322 14.32 -12.55 -21.84
N PRO B 323 13.38 -12.77 -22.77
CA PRO B 323 13.39 -13.95 -23.65
C PRO B 323 14.34 -13.65 -24.81
N TRP B 324 14.00 -12.61 -25.56
CA TRP B 324 14.82 -12.18 -26.69
C TRP B 324 16.10 -11.60 -26.12
N LYS B 325 17.16 -11.64 -26.91
CA LYS B 325 18.45 -11.09 -26.51
C LYS B 325 19.03 -10.32 -27.72
N LEU B 326 19.68 -9.19 -27.44
CA LEU B 326 20.26 -8.34 -28.48
C LEU B 326 21.61 -8.81 -29.02
N HIS B 327 21.89 -8.45 -30.27
CA HIS B 327 23.16 -8.78 -30.93
C HIS B 327 23.69 -7.54 -31.63
N ILE B 328 24.55 -6.80 -30.96
CA ILE B 328 25.15 -5.59 -31.52
C ILE B 328 26.40 -5.92 -32.35
N THR B 329 26.65 -5.12 -33.38
CA THR B 329 27.79 -5.30 -34.25
C THR B 329 28.06 -3.95 -34.89
N GLN B 330 29.27 -3.76 -35.42
CA GLN B 330 29.60 -2.49 -36.07
C GLN B 330 28.63 -2.19 -37.20
#